data_7FGT
#
_entry.id   7FGT
#
loop_
_entity.id
_entity.type
_entity.pdbx_description
1 polymer "DNA (5'-D(*AP*AP*GP*AP*AP*GP*AP*AP*G)-3')"
2 polymer "DNA (5'-D(*CP*TP*TP*CP*TP*TP*CP*TP*T)-3')"
3 non-polymer ~{N}-[3-[3-(dimethylamino)propylamino]-3-oxidanylidene-propyl]-1-methyl-4-[3-[[1-methyl-4-[[1-methyl-4-[3-[[1-methyl-4-[(1-methylimidazol-2-yl)carbonylamino]pyrrol-2-yl]carbonylamino]propanoylamino]imidazol-2-yl]carbonylamino]pyrrol-2-yl]carbonylamino]propanoylamino]imidazole-2-carboxamide
#
loop_
_entity_poly.entity_id
_entity_poly.type
_entity_poly.pdbx_seq_one_letter_code
_entity_poly.pdbx_strand_id
1 'polydeoxyribonucleotide' (DA)(DA)(DG)(DA)(DA)(DG)(DA)(DA)(DG) A
2 'polydeoxyribonucleotide' (DC)(DT)(DT)(DC)(DT)(DT)(DC)(DT)(DT) B
#
loop_
_chem_comp.id
_chem_comp.type
_chem_comp.name
_chem_comp.formula
5R3 non-polymer ~{N}-[3-[3-(dimethylamino)propylamino]-3-oxidanylidene-propyl]-1-methyl-4-[3-[[1-methyl-4-[[1-methyl-4-[3-[[1-methyl-4-[(1-methylimidazol-2-yl)carbonylamino]pyrrol-2-yl]carbonylamino]propanoylamino]imidazol-2-yl]carbonylamino]pyrrol-2-yl]carbonylamino]propanoylamino]imidazole-2-carboxamide 'C41 H55 N17 O8'
DA DNA linking 2'-DEOXYADENOSINE-5'-MONOPHOSPHATE 'C10 H14 N5 O6 P'
DC DNA linking 2'-DEOXYCYTIDINE-5'-MONOPHOSPHATE 'C9 H14 N3 O7 P'
DG DNA linking 2'-DEOXYGUANOSINE-5'-MONOPHOSPHATE 'C10 H14 N5 O7 P'
DT DNA linking THYMIDINE-5'-MONOPHOSPHATE 'C10 H15 N2 O8 P'
#
# COMPACT_ATOMS: atom_id res chain seq x y z
O71 5R3 C . 13.54 -6.49 -3.88
C71 5R3 C . 13.84 -6.63 -2.68
C51 5R3 C . 17.11 -4.96 -1.99
N11 5R3 C . 16.15 -5.41 -2.88
C61 5R3 C . 16.24 -5.35 -4.28
C21 5R3 C . 15.10 -5.97 -2.13
N31 5R3 C . 15.43 -5.85 -0.78
C41 5R3 C . 16.64 -5.19 -0.69
N81 5R3 C . 12.97 -7.41 -1.80
C42 5R3 C . 11.78 -8.02 -2.29
C32 5R3 C . 10.45 -7.74 -1.83
C52 5R3 C . 11.70 -9.03 -3.24
C22 5R3 C . 9.55 -8.56 -2.53
N12 5R3 C . 10.33 -9.40 -3.36
C62 5R3 C . 9.81 -10.44 -4.26
C72 5R3 C . 8.02 -8.56 -2.41
O72 5R3 C . 7.38 -8.58 -3.46
N82 5R3 C . 7.41 -8.28 -1.14
CM1 5R3 C . 6.07 -7.72 -0.97
CM2 5R3 C . 5.62 -8.15 0.42
C92 5R3 C . 4.09 -8.19 0.59
O92 5R3 C . 3.51 -9.27 0.65
N92 5R3 C . 3.31 -6.97 0.67
C43 5R3 C . 1.88 -7.00 0.83
N33 5R3 C . 1.14 -6.26 1.76
C53 5R3 C . 0.96 -7.71 0.04
C23 5R3 C . -0.20 -6.47 1.55
N13 5R3 C . -0.31 -7.38 0.46
C63 5R3 C . -1.49 -7.85 -0.13
C73 5R3 C . -1.28 -5.78 2.38
O73 5R3 C . -2.46 -6.11 2.38
N83 5R3 C . -0.79 -4.69 3.19
C44 5R3 C . -1.52 -3.80 4.12
C34 5R3 C . -1.71 -2.40 3.97
C54 5R3 C . -2.17 -4.20 5.33
C24 5R3 C . -2.43 -1.92 5.08
N14 5R3 C . -2.68 -3.04 5.95
C64 5R3 C . -3.32 -2.98 7.25
C74 5R3 C . -2.85 -0.44 5.32
O74 5R3 C . -3.93 -0.31 5.88
N84 5R3 C . -2.19 0.63 4.61
CM3 5R3 C . -2.85 1.79 4.05
CM4 5R3 C . -1.82 2.92 4.03
C94 5R3 C . -2.49 4.30 3.90
O94 5R3 C . -2.77 4.95 4.90
N94 5R3 C . -2.79 4.82 2.59
C45 5R3 C . -3.40 6.07 2.44
N35 5R3 C . -4.26 6.46 1.41
C55 5R3 C . -3.22 7.18 3.29
C25 5R3 C . -4.63 7.78 1.62
N15 5R3 C . -4.06 8.21 2.85
C65 5R3 C . -4.21 9.48 3.51
C75 5R3 C . -5.51 8.63 0.66
O75 5R3 C . -4.94 9.45 0.00
N85 5R3 C . -6.95 8.62 0.78
CM5 5R3 C . -7.74 9.75 0.23
CM6 5R3 C . -9.20 9.28 0.13
C16 5R3 C . -9.75 9.50 -1.26
O16 5R3 C . -10.97 9.60 -1.40
N16 5R3 C . -8.86 9.50 -2.46
CM7 5R3 C . -9.46 9.47 -3.78
CM8 5R3 C . -10.66 10.44 -3.84
CM9 5R3 C . -11.37 10.32 -5.23
N17 5R3 C . -12.47 11.25 -5.29
C27 5R3 C . -13.63 10.71 -4.54
C37 5R3 C . -12.83 11.50 -6.64
H51 5R3 C . 17.96 -4.53 -2.24
H613 5R3 C . 17.16 -5.29 -4.54
H612 5R3 C . 15.83 -6.15 -4.67
H611 5R3 C . 15.74 -4.55 -4.60
H41 5R3 C . 17.11 -4.96 0.13
HN1 5R3 C . 13.20 -7.50 -0.92
H32 5R3 C . 10.21 -7.07 -1.14
H52 5R3 C . 12.44 -9.43 -3.74
H621 5R3 C . 10.47 -11.16 -4.35
H622 5R3 C . 8.98 -10.80 -3.89
H623 5R3 C . 9.62 -10.04 -5.14
HN2 5R3 C . 7.97 -8.34 -0.42
HM12 5R3 C . 6.06 -6.74 -1.05
HM11 5R3 C . 5.47 -8.11 -1.63
HM21 5R3 C . 5.97 -9.05 0.59
HM22 5R3 C . 6.00 -7.52 1.09
HN3 5R3 C . 3.74 -6.16 0.63
H53 5R3 C . 1.17 -8.30 -0.70
H631 5R3 C . -1.28 -8.34 -0.96
H632 5R3 C . -1.95 -8.45 0.49
H633 5R3 C . -2.08 -7.10 -0.35
HN4 5R3 C . 0.13 -4.52 3.12
H34 5R3 C . -1.39 -1.85 3.22
H54 5R3 C . -2.18 -5.13 5.69
H641 5R3 C . -3.01 -3.71 7.81
H642 5R3 C . -4.30 -3.05 7.13
H643 5R3 C . -3.12 -2.12 7.68
HN5 5R3 C . -1.32 0.43 4.30
HM32 5R3 C . -3.17 1.60 3.14
HM31 5R3 C . -3.60 2.05 4.62
HM41 5R3 C . -1.20 2.78 3.26
HM42 5R3 C . -1.28 2.89 4.87
HN6 5R3 C . -2.58 4.33 1.87
H55 5R3 C . -2.65 7.21 4.11
H651 5R3 C . -4.08 9.37 4.49
H652 5R3 C . -5.11 9.85 3.34
H653 5R3 C . -3.53 10.10 3.17
HN7 5R3 C . -7.39 7.95 1.26
HM52 5R3 C . -7.68 10.51 0.85
HM51 5R3 C . -7.38 10.02 -0.66
HM61 5R3 C . -9.71 9.76 0.78
HM62 5R3 C . -9.25 8.34 0.35
HN8 5R3 C . -7.94 9.45 -2.38
HM71 5R3 C . -8.79 9.72 -4.45
HM72 5R3 C . -9.76 8.55 -3.95
HM81 5R3 C . -11.30 10.22 -3.12
HM82 5R3 C . -10.33 11.36 -3.72
HM91 5R3 C . -11.71 9.41 -5.34
HM92 5R3 C . -10.74 10.52 -5.94
H271 5R3 C . -13.89 10.44 -5.44
H272 5R3 C . -13.56 11.60 -4.11
H273 5R3 C . -14.57 10.97 -4.52
H371 5R3 C . -12.04 11.84 -7.13
H372 5R3 C . -13.13 10.66 -7.06
H373 5R3 C . -13.56 12.17 -6.69
O71 5R3 C . 13.60 -6.49 -3.79
C71 5R3 C . 13.87 -6.62 -2.59
C51 5R3 C . 17.16 -5.02 -1.84
N11 5R3 C . 16.21 -5.45 -2.75
C61 5R3 C . 16.32 -5.38 -4.15
C21 5R3 C . 15.14 -6.00 -2.02
N31 5R3 C . 15.45 -5.88 -0.67
C41 5R3 C . 16.67 -5.23 -0.54
N81 5R3 C . 12.99 -7.39 -1.71
C42 5R3 C . 11.79 -7.99 -2.24
C32 5R3 C . 10.45 -7.68 -1.80
C52 5R3 C . 11.70 -8.99 -3.19
C22 5R3 C . 9.56 -8.48 -2.52
N12 5R3 C . 10.33 -9.34 -3.32
C62 5R3 C . 9.81 -10.37 -4.23
C72 5R3 C . 8.03 -8.46 -2.41
O72 5R3 C . 7.39 -8.45 -3.47
N82 5R3 C . 7.40 -8.20 -1.14
CM1 5R3 C . 6.08 -7.62 -0.96
CM2 5R3 C . 5.59 -8.11 0.39
C92 5R3 C . 4.04 -8.15 0.51
O92 5R3 C . 3.48 -9.23 0.51
N92 5R3 C . 3.27 -6.93 0.61
C43 5R3 C . 1.84 -6.97 0.71
N33 5R3 C . 1.06 -6.27 1.64
C53 5R3 C . 0.95 -7.66 -0.13
C23 5R3 C . -0.28 -6.47 1.37
N13 5R3 C . -0.34 -7.34 0.25
C63 5R3 C . -1.49 -7.81 -0.40
C73 5R3 C . -1.36 -5.80 2.20
O73 5R3 C . -2.55 -6.13 2.20
N83 5R3 C . -0.85 -4.72 3.01
C44 5R3 C . -1.56 -3.82 3.97
C34 5R3 C . -1.71 -2.41 3.81
C54 5R3 C . -2.18 -4.20 5.17
C24 5R3 C . -2.39 -1.92 4.93
N14 5R3 C . -2.64 -3.03 5.80
C64 5R3 C . -3.27 -2.95 7.12
C74 5R3 C . -2.77 -0.44 5.19
O74 5R3 C . -3.97 -0.23 5.34
N84 5R3 C . -1.80 0.61 4.91
CM3 5R3 C . -2.11 1.89 4.32
CM4 5R3 C . -3.54 1.95 3.78
C94 5R3 C . -3.83 3.41 3.30
O94 5R3 C . -4.96 3.72 2.94
N94 5R3 C . -2.78 4.39 3.29
C45 5R3 C . -3.05 5.71 2.87
N35 5R3 C . -3.99 6.08 1.88
C55 5R3 C . -2.44 6.88 3.35
C25 5R3 C . -3.96 7.47 1.76
N15 5R3 C . -3.06 7.98 2.74
C65 5R3 C . -2.74 9.36 3.02
C75 5R3 C . -4.76 8.30 0.73
O75 5R3 C . -4.13 9.03 0.02
N85 5R3 C . -6.20 8.36 0.80
CM5 5R3 C . -6.93 9.47 0.16
CM6 5R3 C . -8.44 9.24 0.33
C16 5R3 C . -9.21 9.55 -0.95
O16 5R3 C . -10.42 9.77 -0.84
N16 5R3 C . -8.59 9.50 -2.30
CM7 5R3 C . -9.43 9.55 -3.48
CM8 5R3 C . -10.48 10.67 -3.33
CM9 5R3 C . -11.44 10.66 -4.57
N17 5R3 C . -12.44 11.69 -4.41
C27 5R3 C . -13.51 11.21 -3.50
C37 5R3 C . -13.01 12.01 -5.68
H51 5R3 C . 18.02 -4.60 -2.08
H613 5R3 C . 17.26 -5.35 -4.40
H612 5R3 C . 15.91 -6.19 -4.54
H611 5R3 C . 15.86 -4.58 -4.47
H41 5R3 C . 17.13 -5.01 0.28
HN1 5R3 C . 13.20 -7.49 -0.84
H32 5R3 C . 10.22 -7.01 -1.11
H52 5R3 C . 12.44 -9.41 -3.67
H621 5R3 C . 8.91 -10.10 -4.56
H622 5R3 C . 10.41 -10.47 -4.99
H623 5R3 C . 9.73 -11.22 -3.75
HN2 5R3 C . 7.96 -8.29 -0.42
HM12 5R3 C . 6.08 -6.63 -1.00
HM11 5R3 C . 5.48 -7.95 -1.66
HM21 5R3 C . 5.93 -9.01 0.54
HM22 5R3 C . 5.95 -7.51 1.10
HN3 5R3 C . 3.69 -6.13 0.61
H53 5R3 C . 1.18 -8.23 -0.88
H631 5R3 C . -1.24 -8.35 -1.19
H632 5R3 C . -2.02 -8.36 0.21
H633 5R3 C . -2.03 -7.04 -0.70
HN4 5R3 C . 0.05 -4.56 2.92
H34 5R3 C . -1.38 -1.87 3.06
H54 5R3 C . -2.23 -5.13 5.54
H641 5R3 C . -2.97 -3.69 7.68
H642 5R3 C . -4.24 -3.00 7.02
H643 5R3 C . -3.03 -2.10 7.54
HN5 5R3 C . -0.90 0.32 4.91
HM32 5R3 C . -1.47 2.06 3.58
HM31 5R3 C . -1.99 2.57 5.00
HM41 5R3 C . -4.18 1.71 4.51
HM42 5R3 C . -3.64 1.33 3.02
HN6 5R3 C . -1.96 4.18 3.56
H55 5R3 C . -1.73 6.93 4.04
H651 5R3 C . -2.45 9.44 3.98
H652 5R3 C . -3.54 9.91 2.88
H653 5R3 C . -2.02 9.65 2.43
HN7 5R3 C . -6.67 7.74 1.31
HM52 5R3 C . -6.68 10.33 0.60
HM51 5R3 C . -6.68 9.52 -0.80
HM61 5R3 C . -8.76 9.82 1.03
HM62 5R3 C . -8.60 8.33 0.59
HN8 5R3 C . -7.68 9.37 -2.41
HM71 5R3 C . -8.87 9.73 -4.26
HM72 5R3 C . -9.88 8.69 -3.59
HM81 5R3 C . -11.00 10.52 -2.50
HM82 5R3 C . -10.02 11.54 -3.27
HM91 5R3 C . -11.88 9.80 -4.64
HM92 5R3 C . -10.92 10.83 -5.38
H271 5R3 C . -13.17 10.46 -2.96
H272 5R3 C . -14.29 10.92 -4.04
H273 5R3 C . -13.78 11.94 -2.90
H371 5R3 C . -12.29 12.29 -6.30
H372 5R3 C . -13.45 11.21 -6.05
H373 5R3 C . -13.67 12.73 -5.58
O71 5R3 C . 13.55 -6.44 -3.85
C71 5R3 C . 13.84 -6.58 -2.65
C51 5R3 C . 17.13 -4.97 -1.91
N11 5R3 C . 16.17 -5.40 -2.81
C61 5R3 C . 16.28 -5.34 -4.22
C21 5R3 C . 15.10 -5.95 -2.08
N31 5R3 C . 15.42 -5.84 -0.74
C41 5R3 C . 16.65 -5.20 -0.62
N81 5R3 C . 12.95 -7.35 -1.78
C42 5R3 C . 11.75 -7.94 -2.30
C32 5R3 C . 10.41 -7.64 -1.85
C52 5R3 C . 11.66 -8.94 -3.25
C22 5R3 C . 9.51 -8.44 -2.56
N12 5R3 C . 10.29 -9.29 -3.38
C62 5R3 C . 9.76 -10.31 -4.29
C72 5R3 C . 7.98 -8.42 -2.45
O72 5R3 C . 7.35 -8.40 -3.50
N82 5R3 C . 7.38 -8.17 -1.17
CM1 5R3 C . 6.05 -7.58 -0.99
CM2 5R3 C . 5.57 -8.07 0.37
C92 5R3 C . 4.03 -8.12 0.49
O92 5R3 C . 3.46 -9.20 0.50
N92 5R3 C . 3.25 -6.91 0.60
C43 5R3 C . 1.82 -6.95 0.71
N33 5R3 C . 1.05 -6.25 1.65
C53 5R3 C . 0.93 -7.64 -0.12
C23 5R3 C . -0.30 -6.46 1.39
N13 5R3 C . -0.36 -7.32 0.26
C63 5R3 C . -1.52 -7.79 -0.38
C73 5R3 C . -1.38 -5.78 2.22
O73 5R3 C . -2.56 -6.12 2.24
N83 5R3 C . -0.86 -4.71 3.04
C44 5R3 C . -1.56 -3.82 4.00
C34 5R3 C . -1.71 -2.40 3.86
C54 5R3 C . -2.17 -4.20 5.22
C24 5R3 C . -2.39 -1.92 4.99
N14 5R3 C . -2.64 -3.04 5.85
C64 5R3 C . -3.26 -2.96 7.18
C74 5R3 C . -2.78 -0.43 5.26
O74 5R3 C . -3.97 -0.24 5.41
N84 5R3 C . -1.81 0.60 4.98
CM3 5R3 C . -2.10 1.89 4.39
CM4 5R3 C . -3.55 1.96 3.86
C94 5R3 C . -3.83 3.41 3.39
O94 5R3 C . -4.95 3.73 3.03
N94 5R3 C . -2.77 4.39 3.37
C45 5R3 C . -3.05 5.71 2.96
N35 5R3 C . -3.97 6.10 1.97
C55 5R3 C . -2.43 6.88 3.45
C25 5R3 C . -3.94 7.48 1.85
N15 5R3 C . -3.05 7.99 2.84
C65 5R3 C . -2.73 9.36 3.14
C75 5R3 C . -4.74 8.31 0.81
O75 5R3 C . -4.10 9.07 0.13
N85 5R3 C . -6.18 8.35 0.86
CM5 5R3 C . -6.92 9.46 0.22
CM6 5R3 C . -8.43 9.23 0.46
C16 5R3 C . -9.26 9.53 -0.78
O16 5R3 C . -10.46 9.74 -0.63
N16 5R3 C . -8.69 9.48 -2.16
CM7 5R3 C . -9.59 9.53 -3.30
CM8 5R3 C . -10.59 10.69 -3.13
CM9 5R3 C . -11.75 10.53 -4.17
N17 5R3 C . -11.20 10.50 -5.51
C27 5R3 C . -10.97 11.88 -5.99
C37 5R3 C . -12.10 9.83 -6.38
H51 5R3 C . 17.99 -4.56 -2.15
H613 5R3 C . 15.38 -5.34 -4.61
H612 5R3 C . 16.73 -4.51 -4.47
H611 5R3 C . 16.79 -6.11 -4.54
H41 5R3 C . 17.11 -4.97 0.21
HN1 5R3 C . 13.16 -7.45 -0.91
H32 5R3 C . 10.18 -6.97 -1.16
H52 5R3 C . 12.39 -9.36 -3.74
H621 5R3 C . 10.42 -11.05 -4.38
H622 5R3 C . 8.92 -10.67 -3.93
H623 5R3 C . 9.59 -9.91 -5.18
HN2 5R3 C . 7.93 -8.26 -0.46
HM12 5R3 C . 6.06 -6.59 -1.01
HM11 5R3 C . 5.45 -7.92 -1.67
HM21 5R3 C . 5.92 -8.98 0.51
HM22 5R3 C . 5.93 -7.48 1.07
HN3 5R3 C . 3.68 -6.11 0.61
H53 5R3 C . 1.15 -8.20 -0.88
H631 5R3 C . -1.26 -8.31 -1.17
H632 5R3 C . -2.04 -8.34 0.23
H633 5R3 C . -2.06 -7.01 -0.67
HN4 5R3 C . 0.06 -4.56 2.95
H34 5R3 C . -1.39 -1.86 3.12
H54 5R3 C . -2.21 -5.14 5.58
H641 5R3 C . -2.95 -3.71 7.73
H642 5R3 C . -4.23 -3.01 7.08
H643 5R3 C . -3.02 -2.12 7.61
HN5 5R3 C . -0.91 0.32 4.97
HM32 5R3 C . -1.47 2.07 3.64
HM31 5R3 C . -1.98 2.57 5.07
HM41 5R3 C . -4.18 1.71 4.58
HM42 5R3 C . -3.65 1.34 3.10
HN6 5R3 C . -1.95 4.18 3.64
H55 5R3 C . -1.73 6.94 4.15
H651 5R3 C . -2.86 9.91 2.31
H652 5R3 C . -1.79 9.43 3.42
H653 5R3 C . -3.31 9.69 3.84
HN7 5R3 C . -6.65 7.70 1.36
HM52 5R3 C . -6.64 10.31 0.64
HM51 5R3 C . -6.72 9.48 -0.75
HM61 5R3 C . -8.71 9.82 1.17
HM62 5R3 C . -8.58 8.33 0.73
HN8 5R3 C . -7.78 9.36 -2.31
HM71 5R3 C . -9.08 9.66 -4.11
HM72 5R3 C . -10.07 8.69 -3.35
HM81 5R3 C . -10.97 10.68 -2.21
HM82 5R3 C . -10.13 11.55 -3.28
HM91 5R3 C . -12.36 11.28 -4.09
HM92 5R3 C . -12.23 9.70 -4.00
H271 5R3 C . -10.11 11.94 -6.47
H272 5R3 C . -10.94 12.51 -5.21
H273 5R3 C . -11.70 12.15 -6.59
H371 5R3 C . -12.28 8.93 -6.04
H372 5R3 C . -12.95 10.33 -6.42
H373 5R3 C . -11.71 9.77 -7.29
O71 5R3 C . 13.43 -6.62 -3.86
C71 5R3 C . 13.74 -6.64 -2.67
C51 5R3 C . 16.81 -4.56 -2.11
N11 5R3 C . 15.80 -5.02 -2.93
C61 5R3 C . 15.65 -4.73 -4.30
C21 5R3 C . 14.97 -5.87 -2.17
N31 5R3 C . 15.49 -5.91 -0.88
C41 5R3 C . 16.60 -5.07 -0.83
N81 5R3 C . 12.94 -7.40 -1.70
C42 5R3 C . 11.77 -8.12 -2.13
C32 5R3 C . 10.43 -7.90 -1.68
C52 5R3 C . 11.75 -9.20 -2.99
C22 5R3 C . 9.59 -8.83 -2.30
N12 5R3 C . 10.42 -9.68 -3.05
C62 5R3 C . 9.96 -10.82 -3.86
C72 5R3 C . 8.06 -8.95 -2.17
O72 5R3 C . 7.45 -9.29 -3.17
N82 5R3 C . 7.38 -8.40 -1.01
CM1 5R3 C . 5.99 -7.96 -1.04
CM2 5R3 C . 5.40 -8.48 0.26
C92 5R3 C . 3.86 -8.43 0.32
O92 5R3 C . 3.21 -9.46 0.19
N92 5R3 C . 3.17 -7.17 0.50
C43 5R3 C . 1.74 -7.11 0.55
N33 5R3 C . 0.98 -6.42 1.51
C53 5R3 C . 0.84 -7.65 -0.38
C23 5R3 C . -0.36 -6.51 1.19
N13 5R3 C . -0.44 -7.26 -0.02
C63 5R3 C . -1.59 -7.57 -0.75
C73 5R3 C . -1.44 -5.83 2.03
O73 5R3 C . -2.61 -6.13 2.03
N83 5R3 C . -0.90 -4.77 2.87
C44 5R3 C . -1.60 -3.90 3.84
C34 5R3 C . -1.73 -2.47 3.72
C54 5R3 C . -2.24 -4.29 5.04
C24 5R3 C . -2.41 -2.00 4.85
N14 5R3 C . -2.69 -3.12 5.70
C64 5R3 C . -3.33 -3.07 7.01
C74 5R3 C . -2.78 -0.52 5.14
O74 5R3 C . -3.96 -0.30 5.30
N84 5R3 C . -1.79 0.51 4.86
CM3 5R3 C . -2.09 1.81 4.27
CM4 5R3 C . -3.53 1.90 3.76
C94 5R3 C . -3.81 3.36 3.29
O94 5R3 C . -4.92 3.68 2.91
N94 5R3 C . -2.74 4.34 3.30
C45 5R3 C . -3.01 5.66 2.89
N35 5R3 C . -3.94 6.05 1.90
C55 5R3 C . -2.40 6.83 3.37
C25 5R3 C . -3.90 7.43 1.78
N15 5R3 C . -3.01 7.93 2.77
C65 5R3 C . -2.69 9.31 3.06
C75 5R3 C . -4.69 8.26 0.75
O75 5R3 C . -4.05 9.00 0.04
N85 5R3 C . -6.13 8.35 0.80
CM5 5R3 C . -6.85 9.47 0.17
CM6 5R3 C . -8.36 9.25 0.34
C16 5R3 C . -9.14 9.57 -0.93
O16 5R3 C . -10.34 9.80 -0.83
N16 5R3 C . -8.53 9.52 -2.29
CM7 5R3 C . -9.36 9.60 -3.46
CM8 5R3 C . -10.40 10.73 -3.30
CM9 5R3 C . -11.36 10.73 -4.54
N17 5R3 C . -12.35 11.78 -4.38
C27 5R3 C . -11.71 13.02 -3.87
C37 5R3 C . -13.35 11.34 -3.45
H51 5R3 C . 17.54 -3.97 -2.40
H613 5R3 C . 16.51 -4.48 -4.68
H612 5R3 C . 15.29 -5.51 -4.77
H611 5R3 C . 15.02 -3.97 -4.40
H41 5R3 C . 17.14 -4.89 -0.05
HN1 5R3 C . 13.18 -7.40 -0.84
H32 5R3 C . 10.14 -7.18 -1.04
H52 5R3 C . 12.52 -9.60 -3.46
H621 5R3 C . 10.68 -11.50 -3.90
H622 5R3 C . 9.17 -11.21 -3.45
H623 5R3 C . 9.75 -10.51 -4.77
HN2 5R3 C . 7.93 -8.21 -0.30
HM12 5R3 C . 5.87 -6.98 -1.09
HM11 5R3 C . 5.53 -8.37 -1.78
HM21 5R3 C . 5.68 -9.42 0.37
HM22 5R3 C . 5.76 -7.96 1.01
HN3 5R3 C . 3.66 -6.41 0.59
H53 5R3 C . 1.06 -8.15 -1.17
H631 5R3 C . -2.30 -7.86 -0.13
H632 5R3 C . -1.90 -6.77 -1.23
H633 5R3 C . -1.40 -8.28 -1.40
HN4 5R3 C . 0.01 -4.64 2.79
H34 5R3 C . -1.39 -1.93 2.99
H54 5R3 C . -2.30 -5.22 5.39
H641 5R3 C . -3.04 -3.82 7.55
H642 5R3 C . -4.30 -3.11 6.90
H643 5R3 C . -3.09 -2.24 7.46
HN5 5R3 C . -0.90 0.23 4.84
HM32 5R3 C . -1.46 1.98 3.54
HM31 5R3 C . -1.96 2.48 4.98
HM41 5R3 C . -4.17 1.66 4.49
HM42 5R3 C . -3.65 1.28 3.00
HN6 5R3 C . -1.93 4.11 3.57
H55 5R3 C . -1.69 6.86 4.08
H651 5R3 C . -2.40 9.39 4.02
H652 5R3 C . -3.48 9.87 2.92
H653 5R3 C . -1.96 9.61 2.48
HN7 5R3 C . -6.61 7.73 1.31
HM52 5R3 C . -6.58 10.32 0.60
HM51 5R3 C . -6.60 9.50 -0.80
HM61 5R3 C . -8.68 9.83 1.04
HM62 5R3 C . -8.53 8.34 0.59
HN8 5R3 C . -7.61 9.38 -2.39
HM71 5R3 C . -8.82 9.77 -4.25
HM72 5R3 C . -9.82 8.74 -3.57
HM81 5R3 C . -10.92 10.58 -2.47
HM82 5R3 C . -9.94 11.60 -3.24
HM91 5R3 C . -11.81 9.88 -4.61
HM92 5R3 C . -10.84 10.91 -5.35
H271 5R3 C . -12.10 13.80 -4.33
H272 5R3 C . -10.74 12.98 -4.06
H273 5R3 C . -11.87 13.09 -2.90
H371 5R3 C . -14.05 12.04 -3.36
H372 5R3 C . -13.76 10.51 -3.78
H373 5R3 C . -12.93 11.19 -2.57
O71 5R3 C . 13.59 -6.47 -3.80
C71 5R3 C . 13.87 -6.61 -2.61
C51 5R3 C . 17.15 -4.98 -1.87
N11 5R3 C . 16.20 -5.42 -2.75
C61 5R3 C . 16.31 -5.37 -4.16
C21 5R3 C . 15.13 -5.97 -2.02
N31 5R3 C . 15.43 -5.85 -0.68
C41 5R3 C . 16.67 -5.20 -0.57
N81 5R3 C . 12.98 -7.38 -1.73
C42 5R3 C . 11.79 -7.97 -2.24
C32 5R3 C . 10.45 -7.68 -1.80
C52 5R3 C . 11.70 -8.99 -3.18
C22 5R3 C . 9.56 -8.49 -2.51
N12 5R3 C . 10.33 -9.34 -3.32
C62 5R3 C . 9.81 -10.38 -4.22
C72 5R3 C . 8.03 -8.47 -2.41
O72 5R3 C . 7.40 -8.46 -3.46
N82 5R3 C . 7.41 -8.20 -1.13
CM1 5R3 C . 6.08 -7.62 -0.96
CM2 5R3 C . 5.61 -8.09 0.41
C92 5R3 C . 4.08 -8.15 0.56
O92 5R3 C . 3.51 -9.23 0.62
N92 5R3 C . 3.28 -6.94 0.63
C43 5R3 C . 1.85 -7.01 0.75
N33 5R3 C . 1.07 -6.28 1.68
C53 5R3 C . 0.96 -7.75 -0.04
C23 5R3 C . -0.26 -6.52 1.44
N13 5R3 C . -0.33 -7.44 0.36
C63 5R3 C . -1.49 -7.95 -0.25
C73 5R3 C . -1.35 -5.84 2.26
O73 5R3 C . -2.53 -6.17 2.27
N83 5R3 C . -0.84 -4.74 3.06
C44 5R3 C . -1.54 -3.84 4.00
C34 5R3 C . -1.69 -2.43 3.83
C54 5R3 C . -2.16 -4.21 5.22
C24 5R3 C . -2.38 -1.93 4.95
N14 5R3 C . -2.63 -3.03 5.84
C64 5R3 C . -3.25 -2.94 7.15
C74 5R3 C . -2.77 -0.44 5.19
O74 5R3 C . -3.96 -0.24 5.33
N84 5R3 C . -1.81 0.60 4.90
CM3 5R3 C . -2.11 1.88 4.29
CM4 5R3 C . -3.56 1.93 3.79
C94 5R3 C . -3.88 3.37 3.30
O94 5R3 C . -5.00 3.65 2.90
N94 5R3 C . -2.86 4.39 3.29
C45 5R3 C . -3.19 5.68 2.85
N35 5R3 C . -4.05 5.97 1.78
C55 5R3 C . -2.74 6.90 3.38
C25 5R3 C . -4.13 7.35 1.63
N15 5R3 C . -3.39 7.94 2.70
C65 5R3 C . -3.23 9.35 3.00
C75 5R3 C . -4.91 8.08 0.51
O75 5R3 C . -4.24 8.56 -0.36
N85 5R3 C . -6.31 8.38 0.63
CM5 5R3 C . -6.91 9.44 -0.18
CM6 5R3 C . -8.43 9.39 -0.01
C16 5R3 C . -9.15 9.46 -1.35
O16 5R3 C . -10.31 9.08 -1.41
N16 5R3 C . -8.44 9.89 -2.59
CM7 5R3 C . -9.09 9.72 -3.88
CM8 5R3 C . -10.46 10.41 -3.86
CM9 5R3 C . -10.28 11.97 -3.83
N17 5R3 C . -11.56 12.62 -3.84
C27 5R3 C . -12.49 11.94 -2.91
C37 5R3 C . -12.11 12.58 -5.16
H51 5R3 C . 18.00 -4.57 -2.10
H613 5R3 C . 17.25 -5.32 -4.41
H612 5R3 C . 15.90 -6.16 -4.55
H611 5R3 C . 15.84 -4.56 -4.49
H41 5R3 C . 17.12 -4.96 0.26
HN1 5R3 C . 13.20 -7.47 -0.85
H32 5R3 C . 10.21 -7.00 -1.12
H52 5R3 C . 12.45 -9.41 -3.67
H621 5R3 C . 10.47 -11.11 -4.30
H622 5R3 C . 8.98 -10.73 -3.86
H623 5R3 C . 9.65 -9.98 -5.11
HN2 5R3 C . 7.97 -8.28 -0.42
HM12 5R3 C . 6.08 -6.63 -1.01
HM11 5R3 C . 5.47 -7.98 -1.63
HM21 5R3 C . 5.98 -8.98 0.57
HM22 5R3 C . 5.98 -7.48 1.10
HN3 5R3 C . 3.69 -6.13 0.59
H53 5R3 C . 1.19 -8.33 -0.76
H631 5R3 C . -2.20 -8.04 0.43
H632 5R3 C . -1.78 -7.34 -0.95
H633 5R3 C . -1.29 -8.83 -0.64
HN4 5R3 C . 0.07 -4.59 2.97
H34 5R3 C . -1.38 -1.89 3.08
H54 5R3 C . -2.21 -5.13 5.60
H641 5R3 C . -2.95 -3.67 7.71
H642 5R3 C . -4.23 -2.99 7.05
H643 5R3 C . -3.01 -2.08 7.56
HN5 5R3 C . -0.90 0.32 4.91
HM32 5R3 C . -1.49 2.03 3.53
HM31 5R3 C . -1.99 2.57 4.96
HM41 5R3 C . -4.18 1.68 4.53
HM42 5R3 C . -3.67 1.29 3.04
HN6 5R3 C . -2.03 4.20 3.57
H55 5R3 C . -2.12 7.03 4.15
H651 5R3 C . -3.06 9.46 3.98
H652 5R3 C . -4.06 9.83 2.76
H653 5R3 C . -2.48 9.70 2.49
HN7 5R3 C . -6.83 7.94 1.29
HM52 5R3 C . -6.58 10.33 0.12
HM51 5R3 C . -6.67 9.30 -1.14
HM61 5R3 C . -8.71 10.12 0.55
HM62 5R3 C . -8.67 8.55 0.42
HN8 5R3 C . -7.57 10.22 -2.55
HM71 5R3 C . -8.54 10.11 -4.58
HM72 5R3 C . -9.21 8.76 -4.05
HM81 5R3 C . -10.98 10.15 -4.67
HM82 5R3 C . -10.97 10.13 -3.05
HM91 5R3 C . -9.76 12.24 -4.61
HM92 5R3 C . -9.79 12.23 -3.02
H271 5R3 C . -13.02 12.61 -2.41
H272 5R3 C . -11.96 11.40 -2.26
H273 5R3 C . -13.08 11.35 -3.42
H371 5R3 C . -12.97 13.07 -5.17
H372 5R3 C . -11.48 13.02 -5.79
H373 5R3 C . -12.24 11.65 -5.44
O71 5R3 C . 13.56 -6.59 -3.91
C71 5R3 C . 13.85 -6.73 -2.72
C51 5R3 C . 17.15 -5.12 -2.01
N11 5R3 C . 16.18 -5.55 -2.90
C61 5R3 C . 16.28 -5.50 -4.31
C21 5R3 C . 15.13 -6.09 -2.15
N31 5R3 C . 15.45 -5.98 -0.81
C41 5R3 C . 16.67 -5.32 -0.71
N81 5R3 C . 12.97 -7.50 -1.83
C42 5R3 C . 11.76 -8.09 -2.33
C32 5R3 C . 10.44 -7.79 -1.88
C52 5R3 C . 11.67 -9.10 -3.27
C22 5R3 C . 9.53 -8.59 -2.57
N12 5R3 C . 10.30 -9.46 -3.39
C62 5R3 C . 9.76 -10.48 -4.28
C72 5R3 C . 8.00 -8.57 -2.45
O72 5R3 C . 7.36 -8.56 -3.50
N82 5R3 C . 7.40 -8.31 -1.17
CM1 5R3 C . 6.08 -7.73 -0.95
CM2 5R3 C . 5.69 -8.16 0.45
C92 5R3 C . 4.16 -8.22 0.70
O92 5R3 C . 3.62 -9.30 0.88
N92 5R3 C . 3.34 -7.02 0.74
C43 5R3 C . 1.92 -7.11 0.97
N33 5R3 C . 1.19 -6.34 1.88
C53 5R3 C . 1.01 -7.93 0.29
C23 5R3 C . -0.15 -6.63 1.76
N13 5R3 C . -0.27 -7.62 0.74
C63 5R3 C . -1.44 -8.20 0.26
C73 5R3 C . -1.22 -5.91 2.59
O73 5R3 C . -2.39 -6.27 2.64
N83 5R3 C . -0.70 -4.79 3.33
C44 5R3 C . -1.39 -3.86 4.26
C34 5R3 C . -1.59 -2.46 4.06
C54 5R3 C . -1.98 -4.21 5.51
C24 5R3 C . -2.24 -1.94 5.18
N14 5R3 C . -2.45 -3.02 6.11
C64 5R3 C . -3.04 -2.90 7.43
C74 5R3 C . -2.66 -0.45 5.38
O74 5R3 C . -3.70 -0.31 6.01
N84 5R3 C . -2.06 0.59 4.57
CM3 5R3 C . -2.78 1.73 4.03
CM4 5R3 C . -1.76 2.87 3.94
C94 5R3 C . -2.47 4.22 3.67
O94 5R3 C . -1.88 5.27 3.90
N94 5R3 C . -3.81 4.22 3.15
C45 5R3 C . -4.46 5.43 2.88
N35 5R3 C . -4.92 5.84 1.62
C55 5R3 C . -4.78 6.45 3.81
C25 5R3 C . -5.51 7.09 1.75
N15 5R3 C . -5.52 7.44 3.13
C65 5R3 C . -6.08 8.60 3.76
C75 5R3 C . -6.07 7.93 0.57
O75 5R3 C . -5.30 8.14 -0.34
N85 5R3 C . -7.32 8.61 0.68
CM5 5R3 C . -7.64 9.76 -0.19
CM6 5R3 C . -9.17 9.86 -0.25
C16 5R3 C . -9.66 9.76 -1.67
O16 5R3 C . -10.77 9.29 -1.89
N16 5R3 C . -8.78 10.15 -2.81
CM7 5R3 C . -9.19 9.83 -4.16
CM8 5R3 C . -10.65 10.27 -4.38
CM9 5R3 C . -10.71 11.82 -4.57
N17 5R3 C . -12.08 12.24 -4.81
C27 5R3 C . -12.17 13.71 -4.61
C37 5R3 C . -12.95 11.59 -3.88
H51 5R3 C . 18.00 -4.71 -2.25
H613 5R3 C . 15.38 -5.51 -4.69
H612 5R3 C . 16.73 -4.67 -4.57
H611 5R3 C . 16.79 -6.27 -4.62
H41 5R3 C . 17.13 -5.10 0.11
HN1 5R3 C . 13.19 -7.59 -0.95
H32 5R3 C . 10.21 -7.10 -1.19
H52 5R3 C . 12.40 -9.53 -3.77
H621 5R3 C . 10.42 -11.22 -4.37
H622 5R3 C . 8.93 -10.84 -3.91
H623 5R3 C . 9.58 -10.09 -5.17
HN2 5R3 C . 7.97 -8.40 -0.46
HM12 5R3 C . 6.07 -6.75 -1.04
HM11 5R3 C . 5.45 -8.10 -1.58
HM21 5R3 C . 6.05 -9.05 0.61
HM22 5R3 C . 6.09 -7.54 1.10
HN3 5R3 C . 3.73 -6.21 0.61
H53 5R3 C . 1.20 -8.56 -0.41
H631 5R3 C . -2.16 -8.12 0.94
H632 5R3 C . -1.73 -7.73 -0.55
H633 5R3 C . -1.29 -9.15 0.07
HN4 5R3 C . 0.21 -4.63 3.21
H34 5R3 C . -1.30 -1.95 3.28
H54 5R3 C . -1.99 -5.11 5.92
H641 5R3 C . -2.70 -3.61 8.01
H642 5R3 C . -4.02 -2.99 7.36
H643 5R3 C . -2.82 -2.03 7.81
HN5 5R3 C . -1.22 0.39 4.21
HM32 5R3 C . -3.51 1.98 4.65
HM31 5R3 C . -3.16 1.51 3.16
HM41 5R3 C . -1.12 2.68 3.20
HM42 5R3 C . -1.26 2.93 4.79
HN6 5R3 C . -4.21 3.45 2.99
H55 5R3 C . -4.57 6.45 4.78
H651 5R3 C . -6.09 9.36 3.10
H652 5R3 C . -5.52 8.86 4.53
H653 5R3 C . -6.99 8.42 4.05
HN7 5R3 C . -7.92 8.39 1.36
HM52 5R3 C . -7.25 10.59 0.19
HM51 5R3 C . -7.27 9.60 -1.11
HM61 5R3 C . -9.43 10.69 0.15
HM62 5R3 C . -9.55 9.13 0.26
HN8 5R3 C . -7.95 10.55 -2.65
HM71 5R3 C . -8.61 10.29 -4.80
HM72 5R3 C . -9.11 8.86 -4.30
HM81 5R3 C . -11.01 9.82 -5.19
HM82 5R3 C . -11.19 10.02 -3.60
HM91 5R3 C . -10.15 12.09 -5.34
HM92 5R3 C . -10.36 12.27 -3.77
H271 5R3 C . -12.76 14.10 -5.31
H272 5R3 C . -11.27 14.12 -4.68
H273 5R3 C . -12.55 13.90 -3.73
H371 5R3 C . -12.70 11.84 -2.97
H372 5R3 C . -13.88 11.85 -4.08
H373 5R3 C . -12.85 10.61 -4.00
O71 5R3 C . 13.55 -6.52 -3.96
C71 5R3 C . 13.86 -6.67 -2.76
C51 5R3 C . 17.16 -5.07 -2.07
N11 5R3 C . 16.18 -5.49 -2.96
C61 5R3 C . 16.27 -5.42 -4.36
C21 5R3 C . 15.13 -6.05 -2.21
N31 5R3 C . 15.46 -5.95 -0.87
C41 5R3 C . 16.69 -5.30 -0.76
N81 5R3 C . 12.98 -7.45 -1.88
C42 5R3 C . 11.77 -8.03 -2.38
C32 5R3 C . 10.44 -7.74 -1.91
C52 5R3 C . 11.67 -9.04 -3.33
C22 5R3 C . 9.53 -8.53 -2.61
N12 5R3 C . 10.29 -9.38 -3.44
C62 5R3 C . 9.74 -10.40 -4.35
C72 5R3 C . 8.01 -8.51 -2.48
O72 5R3 C . 7.35 -8.48 -3.52
N82 5R3 C . 7.41 -8.26 -1.19
CM1 5R3 C . 6.08 -7.67 -0.98
CM2 5R3 C . 5.63 -8.18 0.38
C92 5R3 C . 4.09 -8.20 0.54
O92 5R3 C . 3.50 -9.28 0.56
N92 5R3 C . 3.33 -6.98 0.68
C43 5R3 C . 1.90 -7.01 0.82
N33 5R3 C . 1.16 -6.30 1.78
C53 5R3 C . 0.99 -7.68 0.01
C23 5R3 C . -0.19 -6.49 1.56
N13 5R3 C . -0.29 -7.35 0.43
C63 5R3 C . -1.48 -7.80 -0.19
C73 5R3 C . -1.26 -5.82 2.41
O73 5R3 C . -2.43 -6.16 2.44
N83 5R3 C . -0.74 -4.74 3.23
C44 5R3 C . -1.45 -3.86 4.20
C34 5R3 C . -1.62 -2.45 4.05
C54 5R3 C . -2.06 -4.26 5.41
C24 5R3 C . -2.30 -1.98 5.18
N14 5R3 C . -2.54 -3.10 6.06
C64 5R3 C . -3.16 -3.04 7.38
C74 5R3 C . -2.72 -0.50 5.45
O74 5R3 C . -3.76 -0.37 6.07
N84 5R3 C . -2.09 0.57 4.68
CM3 5R3 C . -2.79 1.73 4.17
CM4 5R3 C . -1.75 2.86 4.07
C94 5R3 C . -2.43 4.22 3.82
O94 5R3 C . -1.83 5.26 4.03
N94 5R3 C . -3.78 4.25 3.31
C45 5R3 C . -4.42 5.48 3.04
N35 5R3 C . -4.85 5.90 1.77
C55 5R3 C . -4.73 6.49 3.96
C25 5R3 C . -5.43 7.15 1.90
N15 5R3 C . -5.44 7.49 3.28
C65 5R3 C . -5.99 8.67 3.90
C75 5R3 C . -5.96 7.99 0.71
O75 5R3 C . -5.17 8.25 -0.16
N85 5R3 C . -7.22 8.66 0.79
CM5 5R3 C . -7.52 9.82 -0.07
CM6 5R3 C . -9.05 9.92 -0.16
C16 5R3 C . -9.52 9.88 -1.60
O16 5R3 C . -10.64 9.46 -1.85
N16 5R3 C . -8.60 10.27 -2.72
CM7 5R3 C . -9.00 9.99 -4.08
CM8 5R3 C . -10.46 10.45 -4.30
CM9 5R3 C . -10.88 10.18 -5.78
N17 5R3 C . -12.24 10.61 -5.98
C27 5R3 C . -13.17 9.56 -5.50
C37 5R3 C . -12.48 10.85 -7.37
H51 5R3 C . 18.01 -4.66 -2.32
H613 5R3 C . 15.36 -5.43 -4.73
H612 5R3 C . 16.71 -4.59 -4.62
H611 5R3 C . 16.77 -6.19 -4.69
H41 5R3 C . 17.16 -5.09 0.05
HN1 5R3 C . 13.20 -7.55 -1.01
H32 5R3 C . 10.22 -7.05 -1.22
H52 5R3 C . 12.39 -9.45 -3.83
H621 5R3 C . 10.40 -11.13 -4.45
H622 5R3 C . 8.91 -10.75 -3.98
H623 5R3 C . 9.57 -9.99 -5.23
HN2 5R3 C . 7.98 -8.35 -0.48
HM12 5R3 C . 6.09 -6.69 -1.00
HM11 5R3 C . 5.47 -8.00 -1.66
HM21 5R3 C . 5.96 -9.09 0.50
HM22 5R3 C . 6.01 -7.61 1.07
HN3 5R3 C . 3.76 -6.18 0.67
H53 5R3 C . 1.19 -8.24 -0.75
H631 5R3 C . -1.24 -8.33 -0.98
H632 5R3 C . -1.99 -8.33 0.44
H633 5R3 C . -2.01 -7.02 -0.46
HN4 5R3 C . 0.16 -4.58 3.12
H34 5R3 C . -1.32 -1.91 3.31
H54 5R3 C . -2.09 -5.19 5.77
H641 5R3 C . -2.84 -3.78 7.92
H642 5R3 C . -4.13 -3.11 7.28
H643 5R3 C . -2.93 -2.19 7.81
HN5 5R3 C . -1.25 0.37 4.32
HM32 5R3 C . -3.50 1.99 4.81
HM31 5R3 C . -3.20 1.54 3.31
HM41 5R3 C . -1.11 2.65 3.34
HM42 5R3 C . -1.25 2.91 4.93
HN6 5R3 C . -4.21 3.48 3.15
H55 5R3 C . -4.53 6.49 4.93
H651 5R3 C . -5.98 9.43 3.25
H652 5R3 C . -5.43 8.92 4.68
H653 5R3 C . -6.90 8.50 4.19
HN7 5R3 C . -7.85 8.41 1.45
HM52 5R3 C . -7.16 10.64 0.33
HM51 5R3 C . -7.14 9.67 -0.98
HM61 5R3 C . -9.34 10.73 0.26
HM62 5R3 C . -9.46 9.17 0.31
HN8 5R3 C . -7.76 10.62 -2.54
HM71 5R3 C . -8.41 10.46 -4.69
HM72 5R3 C . -8.94 9.03 -4.24
HM81 5R3 C . -11.06 9.96 -3.69
HM82 5R3 C . -10.52 11.42 -4.11
HM91 5R3 C . -10.81 9.23 -5.97
HM92 5R3 C . -10.30 10.67 -6.39
H271 5R3 C . -12.70 8.96 -4.87
H272 5R3 C . -13.52 9.04 -6.27
H273 5R3 C . -13.93 9.98 -5.02
H371 5R3 C . -11.84 11.53 -7.69
H372 5R3 C . -12.35 10.01 -7.87
H373 5R3 C . -13.40 11.17 -7.50
O71 5R3 C . 13.55 -6.52 -3.96
C71 5R3 C . 13.85 -6.67 -2.77
C51 5R3 C . 17.16 -5.06 -2.08
N11 5R3 C . 16.18 -5.49 -2.96
C61 5R3 C . 16.26 -5.42 -4.36
C21 5R3 C . 15.13 -6.05 -2.21
N31 5R3 C . 15.47 -5.94 -0.88
C41 5R3 C . 16.69 -5.30 -0.78
N81 5R3 C . 12.98 -7.45 -1.88
C42 5R3 C . 11.77 -8.03 -2.39
C32 5R3 C . 10.44 -7.74 -1.91
C52 5R3 C . 11.66 -9.03 -3.34
C22 5R3 C . 9.54 -8.53 -2.62
N12 5R3 C . 10.29 -9.38 -3.46
C62 5R3 C . 9.75 -10.40 -4.35
C72 5R3 C . 8.00 -8.50 -2.49
O72 5R3 C . 7.36 -8.49 -3.53
N82 5R3 C . 7.41 -8.26 -1.19
CM1 5R3 C . 6.08 -7.67 -0.98
CM2 5R3 C . 5.63 -8.18 0.38
C92 5R3 C . 4.09 -8.21 0.53
O92 5R3 C . 3.51 -9.28 0.55
N92 5R3 C . 3.33 -6.98 0.68
C43 5R3 C . 1.90 -7.01 0.82
N33 5R3 C . 1.16 -6.30 1.79
C53 5R3 C . 0.99 -7.68 0.01
C23 5R3 C . -0.19 -6.49 1.57
N13 5R3 C . -0.29 -7.35 0.43
C63 5R3 C . -1.47 -7.80 -0.19
C73 5R3 C . -1.25 -5.82 2.42
O73 5R3 C . -2.43 -6.16 2.44
N83 5R3 C . -0.73 -4.73 3.23
C44 5R3 C . -1.45 -3.86 4.20
C34 5R3 C . -1.62 -2.45 4.06
C54 5R3 C . -2.05 -4.26 5.41
C24 5R3 C . -2.30 -1.98 5.18
N14 5R3 C . -2.54 -3.10 6.06
C64 5R3 C . -3.15 -3.04 7.38
C74 5R3 C . -2.71 -0.50 5.45
O74 5R3 C . -3.75 -0.36 6.07
N84 5R3 C . -2.09 0.57 4.69
CM3 5R3 C . -2.78 1.73 4.18
CM4 5R3 C . -1.75 2.86 4.08
C94 5R3 C . -2.43 4.22 3.82
O94 5R3 C . -1.83 5.26 4.04
N94 5R3 C . -3.78 4.25 3.31
C45 5R3 C . -4.41 5.48 3.05
N35 5R3 C . -4.85 5.90 1.78
C55 5R3 C . -4.71 6.50 3.96
C25 5R3 C . -5.42 7.15 1.91
N15 5R3 C . -5.44 7.49 3.28
C65 5R3 C . -5.98 8.68 3.91
C75 5R3 C . -5.95 8.00 0.72
O75 5R3 C . -5.16 8.25 -0.15
N85 5R3 C . -7.22 8.66 0.81
CM5 5R3 C . -7.53 9.82 -0.06
CM6 5R3 C . -9.05 9.92 -0.14
C16 5R3 C . -9.52 9.88 -1.58
O16 5R3 C . -10.64 9.46 -1.84
N16 5R3 C . -8.60 10.27 -2.70
CM7 5R3 C . -9.00 9.99 -4.07
CM8 5R3 C . -10.45 10.45 -4.28
CM9 5R3 C . -10.88 10.18 -5.77
N17 5R3 C . -12.26 10.61 -5.96
C27 5R3 C . -13.18 9.56 -5.47
C37 5R3 C . -12.49 10.85 -7.35
H51 5R3 C . 18.01 -4.66 -2.33
H613 5R3 C . 17.19 -5.38 -4.64
H612 5R3 C . 15.85 -6.21 -4.76
H611 5R3 C . 15.79 -4.61 -4.68
H41 5R3 C . 17.17 -5.08 0.05
HN1 5R3 C . 13.21 -7.56 -1.02
H32 5R3 C . 10.22 -7.05 -1.22
H52 5R3 C . 12.39 -9.45 -3.85
H621 5R3 C . 10.40 -11.13 -4.46
H622 5R3 C . 8.91 -10.75 -3.98
H623 5R3 C . 9.56 -9.99 -5.24
HN2 5R3 C . 7.98 -8.35 -0.49
HM12 5R3 C . 6.09 -6.69 -1.00
HM11 5R3 C . 5.47 -8.01 -1.67
HM21 5R3 C . 5.97 -9.08 0.49
HM22 5R3 C . 6.01 -7.61 1.07
HN3 5R3 C . 3.76 -6.18 0.67
H53 5R3 C . 1.19 -8.24 -0.75
H631 5R3 C . -1.24 -8.33 -0.98
H632 5R3 C . -1.99 -8.33 0.44
H633 5R3 C . -2.01 -7.02 -0.46
HN4 5R3 C . 0.18 -4.57 3.13
H34 5R3 C . -1.31 -1.90 3.31
H54 5R3 C . -2.08 -5.19 5.78
H641 5R3 C . -2.83 -3.78 7.93
H642 5R3 C . -4.12 -3.11 7.28
H643 5R3 C . -2.92 -2.19 7.80
HN5 5R3 C . -1.24 0.37 4.33
HM32 5R3 C . -3.50 1.99 4.81
HM31 5R3 C . -3.20 1.54 3.31
HM41 5R3 C . -1.11 2.65 3.34
HM42 5R3 C . -1.25 2.90 4.93
HN6 5R3 C . -4.21 3.49 3.16
H55 5R3 C . -4.53 6.49 4.95
H651 5R3 C . -6.23 8.47 4.85
H652 5R3 C . -6.78 8.98 3.42
H653 5R3 C . -5.30 9.39 3.91
HN7 5R3 C . -7.84 8.41 1.46
HM52 5R3 C . -7.15 10.65 0.34
HM51 5R3 C . -7.14 9.67 -0.97
HM61 5R3 C . -9.34 10.73 0.27
HM62 5R3 C . -9.45 9.18 0.33
HN8 5R3 C . -7.76 10.63 -2.53
HM71 5R3 C . -8.41 10.46 -4.68
HM72 5R3 C . -8.94 9.03 -4.23
HM81 5R3 C . -11.06 9.96 -3.67
HM82 5R3 C . -10.53 11.42 -4.09
HM91 5R3 C . -10.81 9.23 -5.95
HM92 5R3 C . -10.30 10.67 -6.38
H271 5R3 C . -13.52 9.04 -6.24
H272 5R3 C . -13.94 9.99 -4.99
H273 5R3 C . -12.70 8.96 -4.86
H371 5R3 C . -12.35 10.01 -7.85
H372 5R3 C . -13.41 11.17 -7.48
H373 5R3 C . -11.86 11.54 -7.68
O71 5R3 C . 12.99 -7.02 -4.23
C71 5R3 C . 13.37 -6.82 -3.07
C51 5R3 C . 16.18 -4.78 -1.68
N11 5R3 C . 15.14 -5.68 -1.53
C61 5R3 C . 14.71 -6.23 -0.30
C21 5R3 C . 14.57 -5.92 -2.79
N31 5R3 C . 15.27 -5.16 -3.72
C41 5R3 C . 16.30 -4.51 -3.05
N81 5R3 C . 12.69 -7.45 -1.94
C42 5R3 C . 11.56 -8.30 -2.15
C32 5R3 C . 10.22 -8.08 -1.64
C52 5R3 C . 11.55 -9.52 -2.82
C22 5R3 C . 9.42 -9.15 -2.04
N12 5R3 C . 10.24 -10.08 -2.71
C62 5R3 C . 9.82 -11.35 -3.28
C72 5R3 C . 7.92 -9.31 -1.77
O72 5R3 C . 7.29 -9.99 -2.56
N82 5R3 C . 7.26 -8.49 -0.78
CM1 5R3 C . 5.83 -8.17 -0.85
CM2 5R3 C . 5.28 -8.64 0.48
C92 5R3 C . 3.73 -8.60 0.58
O92 5R3 C . 3.10 -9.64 0.60
N92 5R3 C . 3.03 -7.33 0.63
C43 5R3 C . 1.59 -7.32 0.72
N33 5R3 C . 0.83 -6.55 1.61
C53 5R3 C . 0.69 -8.00 -0.12
C23 5R3 C . -0.51 -6.71 1.33
N13 5R3 C . -0.59 -7.61 0.24
C63 5R3 C . -1.75 -8.06 -0.42
C73 5R3 C . -1.60 -5.98 2.11
O73 5R3 C . -2.79 -6.23 2.05
N83 5R3 C . -1.07 -4.95 2.97
C44 5R3 C . -1.78 -4.02 3.90
C34 5R3 C . -1.85 -2.59 3.77
C54 5R3 C . -2.49 -4.40 5.06
C24 5R3 C . -2.57 -2.11 4.86
N14 5R3 C . -2.95 -3.21 5.69
C64 5R3 C . -3.64 -3.14 6.96
C74 5R3 C . -2.90 -0.61 5.15
O74 5R3 C . -4.10 -0.35 5.27
N84 5R3 C . -1.90 0.41 4.89
CM3 5R3 C . -2.15 1.71 4.32
CM4 5R3 C . -3.58 1.83 3.77
C94 5R3 C . -3.83 3.29 3.33
O94 5R3 C . -4.93 3.64 2.94
N94 5R3 C . -2.77 4.27 3.38
C45 5R3 C . -3.02 5.60 3.00
N35 5R3 C . -3.92 6.02 2.00
C55 5R3 C . -2.40 6.75 3.53
C25 5R3 C . -3.87 7.41 1.91
N15 5R3 C . -2.99 7.87 2.93
C65 5R3 C . -2.67 9.24 3.26
C75 5R3 C . -4.64 8.26 0.87
O75 5R3 C . -3.98 9.01 0.21
N85 5R3 C . -6.07 8.35 0.91
CM5 5R3 C . -6.78 9.49 0.28
CM6 5R3 C . -8.29 9.28 0.42
C16 5R3 C . -9.04 9.64 -0.85
O16 5R3 C . -10.25 9.87 -0.77
N16 5R3 C . -8.40 9.60 -2.21
CM7 5R3 C . -9.21 9.71 -3.39
CM8 5R3 C . -10.25 10.84 -3.23
CM9 5R3 C . -11.19 10.89 -4.48
N17 5R3 C . -12.18 11.93 -4.32
C27 5R3 C . -13.26 11.45 -3.43
C37 5R3 C . -12.70 12.29 -5.58
H51 5R3 C . 16.74 -4.44 -0.97
H613 5R3 C . 14.26 -7.08 -0.46
H612 5R3 C . 15.48 -6.38 0.27
H611 5R3 C . 14.09 -5.61 0.13
H41 5R3 C . 16.95 -3.92 -3.46
HN1 5R3 C . 12.99 -7.30 -1.11
H32 5R3 C . 9.94 -7.29 -1.11
H52 5R3 C . 12.30 -9.94 -3.27
H621 5R3 C . 8.87 -11.30 -3.54
H622 5R3 C . 10.37 -11.56 -4.05
H623 5R3 C . 9.92 -12.07 -2.60
HN2 5R3 C . 7.83 -8.06 -0.19
HM12 5R3 C . 5.62 -7.21 -1.00
HM11 5R3 C . 5.42 -8.70 -1.56
HM21 5R3 C . 5.56 -9.56 0.61
HM22 5R3 C . 5.65 -8.08 1.20
HN3 5R3 C . 3.49 -6.55 0.60
H53 5R3 C . 0.91 -8.59 -0.84
H631 5R3 C . -2.49 -8.14 0.23
H632 5R3 C . -2.00 -7.42 -1.11
H633 5R3 C . -1.58 -8.93 -0.84
HN4 5R3 C . -0.15 -4.85 2.94
H34 5R3 C . -1.45 -2.06 3.06
H54 5R3 C . -2.62 -5.32 5.40
H641 5R3 C . -4.19 -2.33 6.97
H642 5R3 C . -2.99 -3.10 7.69
H643 5R3 C . -4.22 -3.93 7.07
HN5 5R3 C . -1.01 0.10 4.90
HM32 5R3 C . -1.50 1.88 3.59
HM31 5R3 C . -2.02 2.38 5.02
HM41 5R3 C . -4.23 1.57 4.49
HM42 5R3 C . -3.69 1.23 2.99
HN6 5R3 C . -1.96 4.03 3.67
H55 5R3 C . -1.71 6.78 4.24
H651 5R3 C . -2.41 9.29 4.23
H652 5R3 C . -3.46 9.82 3.10
H653 5R3 C . -1.93 9.54 2.70
HN7 5R3 C . -6.58 7.72 1.39
HM52 5R3 C . -6.52 10.33 0.74
HM51 5R3 C . -6.51 9.55 -0.68
HM61 5R3 C . -8.62 9.84 1.13
HM62 5R3 C . -8.47 8.36 0.65
HN8 5R3 C . -7.48 9.46 -2.30
HM71 5R3 C . -8.65 9.89 -4.16
HM72 5R3 C . -9.67 8.85 -3.52
HM81 5R3 C . -10.79 10.68 -2.41
HM82 5R3 C . -9.78 11.70 -3.13
HM91 5R3 C . -11.64 10.03 -4.58
HM92 5R3 C . -10.65 11.07 -5.29
H271 5R3 C . -14.04 11.17 -3.99
H272 5R3 C . -13.53 12.17 -2.81
H273 5R3 C . -12.95 10.67 -2.92
H371 5R3 C . -11.98 12.58 -6.18
H372 5R3 C . -13.16 11.51 -5.99
H373 5R3 C . -13.35 13.02 -5.48
O71 5R3 C . 13.51 -6.63 -3.97
C71 5R3 C . 13.80 -6.78 -2.77
C51 5R3 C . 17.12 -5.20 -2.06
N11 5R3 C . 16.15 -5.64 -2.94
C61 5R3 C . 16.25 -5.59 -4.35
C21 5R3 C . 15.07 -6.16 -2.21
N31 5R3 C . 15.38 -6.03 -0.87
C41 5R3 C . 16.62 -5.39 -0.76
N81 5R3 C . 12.91 -7.54 -1.90
C42 5R3 C . 11.70 -8.12 -2.41
C32 5R3 C . 10.37 -7.82 -1.96
C52 5R3 C . 11.60 -9.12 -3.36
C22 5R3 C . 9.47 -8.61 -2.67
N12 5R3 C . 10.22 -9.47 -3.49
C62 5R3 C . 9.68 -10.49 -4.38
C72 5R3 C . 7.93 -8.57 -2.56
O72 5R3 C . 7.30 -8.54 -3.60
N82 5R3 C . 7.33 -8.33 -1.27
CM1 5R3 C . 6.01 -7.74 -1.04
CM2 5R3 C . 5.64 -8.16 0.38
C92 5R3 C . 4.13 -8.22 0.67
O92 5R3 C . 3.60 -9.32 0.86
N92 5R3 C . 3.30 -7.04 0.72
C43 5R3 C . 1.89 -7.17 1.00
N33 5R3 C . 1.17 -6.40 1.93
C53 5R3 C . 0.96 -8.00 0.36
C23 5R3 C . -0.17 -6.72 1.87
N13 5R3 C . -0.30 -7.72 0.87
C63 5R3 C . -1.49 -8.31 0.44
C73 5R3 C . -1.21 -6.02 2.74
O73 5R3 C . -2.37 -6.39 2.85
N83 5R3 C . -0.66 -4.89 3.45
C44 5R3 C . -1.33 -3.97 4.41
C34 5R3 C . -1.57 -2.57 4.21
C54 5R3 C . -1.86 -4.32 5.69
C24 5R3 C . -2.19 -2.07 5.37
N14 5R3 C . -2.34 -3.16 6.30
C64 5R3 C . -2.88 -3.05 7.65
C74 5R3 C . -2.63 -0.59 5.59
O74 5R3 C . -3.51 -0.45 6.44
N84 5R3 C . -2.28 0.43 4.63
CM3 5R3 C . -3.17 1.50 4.22
CM4 5R3 C . -2.43 2.81 4.55
C94 5R3 C . -3.39 4.00 4.44
O94 5R3 C . -3.97 4.45 5.41
N94 5R3 C . -3.57 4.57 3.13
C45 5R3 C . -4.40 5.68 2.91
N35 5R3 C . -4.82 6.13 1.65
C55 5R3 C . -4.96 6.53 3.88
C25 5R3 C . -5.63 7.24 1.84
N15 5R3 C . -5.80 7.43 3.23
C65 5R3 C . -6.60 8.44 3.91
C75 5R3 C . -6.22 8.09 0.69
O75 5R3 C . -5.49 8.30 -0.24
N85 5R3 C . -7.46 8.81 0.84
CM5 5R3 C . -7.76 9.95 -0.04
CM6 5R3 C . -9.29 10.00 -0.14
C16 5R3 C . -9.71 9.90 -1.60
O16 5R3 C . -10.81 9.39 -1.87
N16 5R3 C . -8.80 10.32 -2.70
CM7 5R3 C . -9.14 9.98 -4.07
CM8 5R3 C . -10.60 10.38 -4.35
CM9 5R3 C . -10.95 10.10 -5.86
N17 5R3 C . -12.32 10.49 -6.11
C27 5R3 C . -13.22 9.38 -5.69
C37 5R3 C . -12.49 10.76 -7.49
H51 5R3 C . 17.98 -4.81 -2.30
H613 5R3 C . 17.19 -5.58 -4.61
H612 5R3 C . 15.84 -6.39 -4.73
H611 5R3 C . 15.80 -4.80 -4.69
H41 5R3 C . 17.08 -5.17 0.07
HN1 5R3 C . 13.12 -7.65 -1.02
H32 5R3 C . 10.15 -7.13 -1.28
H52 5R3 C . 12.33 -9.55 -3.85
H621 5R3 C . 10.33 -11.23 -4.48
H622 5R3 C . 8.85 -10.83 -4.03
H623 5R3 C . 9.52 -10.08 -5.28
HN2 5R3 C . 7.90 -8.44 -0.57
HM12 5R3 C . 6.02 -6.75 -1.13
HM11 5R3 C . 5.37 -8.11 -1.66
HM21 5R3 C . 6.02 -9.04 0.53
HM22 5R3 C . 6.07 -7.53 1.01
HN3 5R3 C . 3.66 -6.23 0.58
H53 5R3 C . 1.13 -8.64 -0.35
H631 5R3 C . -2.22 -8.11 1.07
H632 5R3 C . -1.73 -7.97 -0.45
H633 5R3 C . -1.38 -9.29 0.38
HN4 5R3 C . 0.24 -4.70 3.30
H34 5R3 C . -1.32 -2.05 3.43
H54 5R3 C . -1.83 -5.24 6.08
H641 5R3 C . -2.50 -3.76 8.21
H642 5R3 C . -3.85 -3.15 7.62
H643 5R3 C . -2.65 -2.18 8.03
HN5 5R3 C . -1.53 0.25 4.09
HM32 5R3 C . -4.01 1.48 4.73
HM31 5R3 C . -3.38 1.45 3.27
HM41 5R3 C . -1.68 2.92 3.90
HM42 5R3 C . -2.06 2.75 5.46
HN6 5R3 C . -3.12 4.21 2.45
H55 5R3 C . -4.83 6.46 4.87
H651 5R3 C . -6.68 9.24 3.32
H652 5R3 C . -6.16 8.69 4.75
H653 5R3 C . -7.49 8.07 4.09
HN7 5R3 C . -8.05 8.59 1.54
HM52 5R3 C . -7.43 10.79 0.38
HM51 5R3 C . -7.35 9.82 -0.93
HM61 5R3 C . -9.61 10.81 0.25
HM62 5R3 C . -9.67 9.25 0.34
HN8 5R3 C . -7.98 10.72 -2.51
HM71 5R3 C . -8.54 10.46 -4.68
HM72 5R3 C . -9.03 9.02 -4.20
HM81 5R3 C . -11.19 9.85 -3.77
HM82 5R3 C . -10.72 11.34 -4.15
HM91 5R3 C . -10.84 9.15 -6.04
HM92 5R3 C . -10.36 10.63 -6.42
H271 5R3 C . -12.75 8.78 -5.07
H272 5R3 C . -13.50 8.87 -6.50
H273 5R3 C . -14.02 9.76 -5.25
H371 5R3 C . -12.30 9.94 -8.02
H372 5R3 C . -13.42 11.04 -7.66
H373 5R3 C . -11.88 11.48 -7.77
O71 5R3 C . 13.56 -6.55 -3.89
C71 5R3 C . 13.85 -6.69 -2.70
C51 5R3 C . 17.16 -5.07 -2.00
N11 5R3 C . 16.19 -5.52 -2.88
C61 5R3 C . 16.29 -5.47 -4.29
C21 5R3 C . 15.14 -6.05 -2.14
N31 5R3 C . 15.45 -5.93 -0.79
C41 5R3 C . 16.68 -5.28 -0.70
N81 5R3 C . 12.98 -7.45 -1.80
C42 5R3 C . 11.77 -8.04 -2.31
C32 5R3 C . 10.45 -7.74 -1.85
C52 5R3 C . 11.67 -9.05 -3.24
C22 5R3 C . 9.54 -8.54 -2.55
N12 5R3 C . 10.30 -9.41 -3.36
C62 5R3 C . 9.76 -10.44 -4.26
C72 5R3 C . 8.00 -8.52 -2.43
O72 5R3 C . 7.37 -8.50 -3.47
N82 5R3 C . 7.40 -8.26 -1.14
CM1 5R3 C . 6.09 -7.67 -0.94
CM2 5R3 C . 5.62 -8.15 0.43
C92 5R3 C . 4.09 -8.19 0.59
O92 5R3 C . 3.51 -9.27 0.62
N92 5R3 C . 3.33 -6.96 0.71
C43 5R3 C . 1.89 -7.00 0.85
N33 5R3 C . 1.14 -6.28 1.80
C53 5R3 C . 0.99 -7.69 0.04
C23 5R3 C . -0.20 -6.48 1.57
N13 5R3 C . -0.30 -7.36 0.46
C63 5R3 C . -1.47 -7.83 -0.16
C73 5R3 C . -1.27 -5.80 2.41
O73 5R3 C . -2.45 -6.14 2.41
N83 5R3 C . -0.78 -4.70 3.22
C44 5R3 C . -1.52 -3.83 4.16
C34 5R3 C . -1.71 -2.42 4.00
C54 5R3 C . -2.14 -4.22 5.38
C24 5R3 C . -2.42 -1.95 5.12
N14 5R3 C . -2.65 -3.06 6.00
C64 5R3 C . -3.29 -3.00 7.30
C74 5R3 C . -2.84 -0.47 5.36
O74 5R3 C . -3.90 -0.34 5.96
N84 5R3 C . -2.22 0.60 4.60
CM3 5R3 C . -2.92 1.75 4.07
CM4 5R3 C . -1.90 2.90 4.07
C94 5R3 C . -2.62 4.27 3.98
O94 5R3 C . -2.89 4.90 4.99
N94 5R3 C . -2.96 4.78 2.68
C45 5R3 C . -3.59 6.03 2.52
N35 5R3 C . -4.42 6.39 1.45
C55 5R3 C . -3.51 7.12 3.40
C25 5R3 C . -4.86 7.70 1.66
N15 5R3 C . -4.37 8.13 2.93
C65 5R3 C . -4.60 9.38 3.59
C75 5R3 C . -5.71 8.52 0.67
O75 5R3 C . -5.14 9.39 0.06
N85 5R3 C . -7.15 8.44 0.67
CM5 5R3 C . -7.96 9.53 0.10
CM6 5R3 C . -9.40 9.01 -0.05
C16 5R3 C . -9.94 9.22 -1.45
O16 5R3 C . -11.15 9.23 -1.61
N16 5R3 C . -9.03 9.30 -2.64
CM7 5R3 C . -9.59 9.25 -3.97
CM8 5R3 C . -10.80 10.19 -4.07
CM9 5R3 C . -10.32 11.69 -3.99
N17 5R3 C . -11.45 12.58 -4.11
C27 5R3 C . -11.05 13.94 -3.68
C37 5R3 C . -12.53 12.11 -3.32
H51 5R3 C . 18.02 -4.67 -2.25
H613 5R3 C . 17.22 -5.43 -4.55
H612 5R3 C . 15.88 -6.26 -4.67
H611 5R3 C . 15.82 -4.66 -4.62
H41 5R3 C . 17.15 -5.05 0.13
HN1 5R3 C . 13.20 -7.55 -0.93
H32 5R3 C . 10.22 -7.05 -1.17
H52 5R3 C . 12.40 -9.47 -3.74
H621 5R3 C . 8.87 -10.16 -4.57
H622 5R3 C . 10.36 -10.54 -5.02
H623 5R3 C . 9.69 -11.29 -3.77
HN2 5R3 C . 7.98 -8.35 -0.43
HM12 5R3 C . 6.09 -6.68 -0.98
HM11 5R3 C . 5.47 -8.01 -1.62
HM21 5R3 C . 5.97 -9.05 0.57
HM22 5R3 C . 6.01 -7.57 1.12
HN3 5R3 C . 3.75 -6.16 0.67
H53 5R3 C . 1.20 -8.26 -0.70
H631 5R3 C . -1.24 -8.39 -0.92
H632 5R3 C . -1.99 -8.35 0.49
H633 5R3 C . -2.00 -7.06 -0.46
HN4 5R3 C . 0.12 -4.54 3.12
H34 5R3 C . -1.39 -1.88 3.25
H54 5R3 C . -2.17 -5.14 5.74
H641 5R3 C . -3.90 -2.24 7.32
H642 5R3 C . -2.61 -2.89 8.00
H643 5R3 C . -3.79 -3.82 7.46
HN5 5R3 C . -1.37 0.40 4.25
HM32 5R3 C . -3.68 2.00 4.64
HM31 5R3 C . -3.25 1.58 3.17
HM41 5R3 C . -1.29 2.80 3.29
HM42 5R3 C . -1.38 2.87 4.91
HN6 5R3 C . -2.75 4.30 1.95
H55 5R3 C . -3.00 7.16 4.25
H651 5R3 C . -4.52 9.26 4.58
H652 5R3 C . -5.50 9.71 3.38
H653 5R3 C . -3.93 10.04 3.30
HN7 5R3 C . -7.58 7.73 1.10
HM52 5R3 C . -7.95 10.30 0.71
HM51 5R3 C . -7.59 9.80 -0.78
HM61 5R3 C . -9.96 9.48 0.58
HM62 5R3 C . -9.44 8.07 0.16
HN8 5R3 C . -8.11 9.33 -2.55
HM71 5R3 C . -8.92 9.52 -4.62
HM72 5R3 C . -9.86 8.32 -4.14
HM81 5R3 C . -11.26 10.05 -4.94
HM82 5R3 C . -11.43 10.01 -3.34
HM91 5R3 C . -9.68 11.86 -4.71
HM92 5R3 C . -9.88 11.83 -3.12
H271 5R3 C . -11.44 14.62 -4.28
H272 5R3 C . -10.07 14.02 -3.69
H273 5R3 C . -11.38 14.09 -2.76
H371 5R3 C . -12.77 11.20 -3.58
H372 5R3 C . -12.26 12.12 -2.36
H373 5R3 C . -13.31 12.72 -3.43
#